data_8DSF
#
_entry.id   8DSF
#
_cell.length_a   28.99
_cell.length_b   30.77
_cell.length_c   118.63
_cell.angle_alpha   96.7
_cell.angle_beta   90.22
_cell.angle_gamma   111.08
#
_symmetry.space_group_name_H-M   'P 1'
#
loop_
_entity.id
_entity.type
_entity.pdbx_description
1 polymer 'Baculoviral IAP repeat-containing protein 2'
2 non-polymer 'ZINC ION'
3 non-polymer '(4S)-4-[2-(2-{4-[(2E)-4-{(3R)-3-[4-amino-3-(4-phenoxyphenyl)-1H-pyrazolo[3,4-d]pyrimidin-1-yl]piperidin-1-yl}-4-oxobut-2-en-1-yl]piperazin-1-yl}ethoxy)acetamido]-1-{(2S)-2-cyclohexyl-2-[(N-methyl-L-alanyl)amino]acetyl}-N-[(1R)-1,2,3,4-tetrahydronaphthalen-1-yl]-L-prolinamide unbound form'
4 water water
#
_entity_poly.entity_id   1
_entity_poly.type   'polypeptide(L)'
_entity_poly.pdbx_seq_one_letter_code
;GSGPGSSISNLSMQTHAARMRTFMYWPSSVPVQPEQLASAGFYYVGRNDDVKCFCCDGGLRCWESGDDPWVEHAKWFPRC
EFLIRMKGQEFVDEIQGRY
;
_entity_poly.pdbx_strand_id   A,B,C,D
#
# COMPACT_ATOMS: atom_id res chain seq x y z
N SER A 7 -13.48 17.75 8.49
CA SER A 7 -13.60 18.73 7.42
C SER A 7 -12.21 19.31 7.01
N ILE A 8 -12.17 20.05 5.91
CA ILE A 8 -10.95 20.64 5.37
C ILE A 8 -10.58 21.93 6.13
N SER A 9 -9.36 21.95 6.68
CA SER A 9 -8.93 23.12 7.45
C SER A 9 -8.74 24.37 6.56
N ASN A 10 -8.18 24.16 5.37
CA ASN A 10 -7.92 25.27 4.47
C ASN A 10 -8.37 24.90 3.05
N LEU A 11 -9.65 25.15 2.75
CA LEU A 11 -10.24 24.82 1.46
C LEU A 11 -9.52 25.50 0.28
N SER A 12 -9.02 26.74 0.49
CA SER A 12 -8.32 27.47 -0.58
C SER A 12 -7.07 26.77 -1.09
N MET A 13 -6.51 25.84 -0.27
CA MET A 13 -5.29 25.12 -0.64
C MET A 13 -5.58 23.65 -1.01
N GLN A 14 -6.84 23.33 -1.40
CA GLN A 14 -7.19 21.94 -1.73
C GLN A 14 -6.65 21.48 -3.08
N THR A 15 -6.27 22.41 -3.96
CA THR A 15 -5.77 22.01 -5.28
C THR A 15 -4.26 22.13 -5.35
N HIS A 16 -3.64 21.22 -6.08
CA HIS A 16 -2.18 21.15 -6.21
C HIS A 16 -1.62 22.47 -6.78
N ALA A 17 -2.30 23.08 -7.77
CA ALA A 17 -1.79 24.31 -8.38
C ALA A 17 -1.80 25.45 -7.38
N ALA A 18 -2.83 25.55 -6.48
CA ALA A 18 -2.81 26.61 -5.49
C ALA A 18 -1.66 26.39 -4.50
N ARG A 19 -1.44 25.12 -4.08
CA ARG A 19 -0.34 24.84 -3.18
C ARG A 19 1.00 25.17 -3.81
N MET A 20 1.18 24.87 -5.10
CA MET A 20 2.47 25.13 -5.76
C MET A 20 2.82 26.60 -5.79
N ARG A 21 1.81 27.45 -5.97
CA ARG A 21 2.02 28.91 -5.98
C ARG A 21 2.64 29.36 -4.65
N THR A 22 2.25 28.73 -3.52
CA THR A 22 2.75 29.16 -2.21
C THR A 22 4.25 28.97 -2.05
N PHE A 23 4.85 28.08 -2.85
CA PHE A 23 6.29 27.81 -2.78
C PHE A 23 7.12 28.73 -3.67
N MET A 24 6.55 29.80 -4.25
CA MET A 24 7.30 30.70 -5.15
C MET A 24 8.67 31.15 -4.56
N TYR A 25 8.69 31.45 -3.26
CA TYR A 25 9.88 31.91 -2.54
C TYR A 25 10.39 30.93 -1.51
N TRP A 26 10.20 29.62 -1.78
CA TRP A 26 10.67 28.54 -0.93
C TRP A 26 12.19 28.62 -0.94
N PRO A 27 12.83 28.62 0.24
CA PRO A 27 14.29 28.78 0.27
C PRO A 27 15.04 27.73 -0.55
N SER A 28 16.01 28.18 -1.34
CA SER A 28 16.78 27.28 -2.21
C SER A 28 17.55 26.17 -1.51
N SER A 29 18.05 26.42 -0.30
CA SER A 29 18.87 25.43 0.39
C SER A 29 18.08 24.31 1.07
N VAL A 30 16.74 24.28 0.90
CA VAL A 30 15.94 23.22 1.52
C VAL A 30 15.98 21.98 0.62
N PRO A 31 16.40 20.83 1.16
CA PRO A 31 16.57 19.62 0.32
C PRO A 31 15.29 18.83 0.02
N VAL A 32 14.12 19.43 0.18
CA VAL A 32 12.85 18.78 -0.13
C VAL A 32 12.17 19.79 -1.07
N GLN A 33 11.74 19.31 -2.25
CA GLN A 33 11.19 20.18 -3.27
C GLN A 33 9.70 20.45 -3.20
N PRO A 34 9.31 21.67 -3.62
CA PRO A 34 7.88 22.04 -3.66
C PRO A 34 6.95 20.99 -4.27
N GLU A 35 7.34 20.37 -5.40
CA GLU A 35 6.47 19.38 -6.05
C GLU A 35 6.12 18.23 -5.11
N GLN A 36 7.12 17.73 -4.37
CA GLN A 36 6.88 16.64 -3.46
C GLN A 36 6.04 17.09 -2.28
N LEU A 37 6.24 18.32 -1.80
CA LEU A 37 5.48 18.79 -0.60
C LEU A 37 4.03 19.05 -1.01
N ALA A 38 3.84 19.76 -2.12
CA ALA A 38 2.50 20.06 -2.62
C ALA A 38 1.72 18.78 -2.93
N SER A 39 2.39 17.76 -3.47
CA SER A 39 1.72 16.49 -3.78
C SER A 39 1.20 15.85 -2.52
N ALA A 40 2.00 15.97 -1.41
CA ALA A 40 1.55 15.41 -0.15
C ALA A 40 0.61 16.30 0.64
N GLY A 41 0.05 17.33 0.03
CA GLY A 41 -0.96 18.16 0.71
C GLY A 41 -0.45 19.41 1.39
N PHE A 42 0.88 19.60 1.35
CA PHE A 42 1.48 20.71 2.04
C PHE A 42 1.56 21.96 1.21
N TYR A 43 1.36 23.08 1.86
CA TYR A 43 1.57 24.40 1.29
C TYR A 43 2.53 25.21 2.20
N TYR A 44 3.26 26.18 1.61
CA TYR A 44 4.21 27.01 2.36
C TYR A 44 3.52 28.21 3.02
N VAL A 45 3.80 28.46 4.31
CA VAL A 45 3.20 29.59 5.00
C VAL A 45 4.04 30.87 4.91
N GLY A 46 5.19 30.83 4.24
CA GLY A 46 6.02 32.03 4.02
C GLY A 46 7.04 32.34 5.08
N ARG A 47 7.25 31.40 6.01
CA ARG A 47 8.24 31.59 7.07
C ARG A 47 9.17 30.39 7.07
N ASN A 48 10.48 30.66 6.90
CA ASN A 48 11.60 29.71 6.85
C ASN A 48 11.24 28.48 5.99
N ASP A 49 11.07 27.27 6.55
CA ASP A 49 10.61 26.15 5.74
C ASP A 49 9.31 25.54 6.31
N ASP A 50 8.50 26.37 7.03
CA ASP A 50 7.23 25.94 7.61
C ASP A 50 6.18 25.64 6.55
N VAL A 51 5.63 24.43 6.62
CA VAL A 51 4.53 24.05 5.70
C VAL A 51 3.37 23.49 6.56
N LYS A 52 2.17 23.53 6.02
CA LYS A 52 1.01 22.98 6.70
C LYS A 52 0.19 22.17 5.69
N CYS A 53 -0.51 21.12 6.18
CA CYS A 53 -1.40 20.37 5.30
C CYS A 53 -2.71 21.13 5.15
N PHE A 54 -3.24 21.24 3.92
CA PHE A 54 -4.53 21.91 3.74
C PHE A 54 -5.68 21.21 4.45
N CYS A 55 -5.59 19.90 4.62
CA CYS A 55 -6.69 19.13 5.16
C CYS A 55 -6.66 19.03 6.64
N CYS A 56 -5.57 18.46 7.22
CA CYS A 56 -5.52 18.24 8.65
C CYS A 56 -4.95 19.43 9.45
N ASP A 57 -4.38 20.42 8.76
CA ASP A 57 -3.73 21.57 9.43
C ASP A 57 -2.42 21.18 10.14
N GLY A 58 -1.94 19.95 9.94
CA GLY A 58 -0.67 19.56 10.55
C GLY A 58 0.48 20.38 10.00
N GLY A 59 1.33 20.90 10.88
CA GLY A 59 2.47 21.67 10.46
C GLY A 59 3.80 20.94 10.62
N LEU A 60 4.68 21.07 9.60
CA LEU A 60 6.03 20.48 9.65
C LEU A 60 7.08 21.50 9.23
N ARG A 61 8.26 21.41 9.83
CA ARG A 61 9.34 22.31 9.52
C ARG A 61 10.68 21.55 9.72
N CYS A 62 11.75 22.24 9.35
CA CYS A 62 13.13 21.76 9.46
C CYS A 62 13.36 20.45 8.69
N TRP A 63 12.99 20.48 7.44
CA TRP A 63 13.14 19.39 6.50
C TRP A 63 14.59 19.00 6.28
N GLU A 64 14.86 17.71 6.23
CA GLU A 64 16.20 17.16 6.00
C GLU A 64 16.28 16.39 4.66
N SER A 65 17.49 16.24 4.10
CA SER A 65 17.75 15.52 2.86
C SER A 65 17.28 14.07 3.02
N GLY A 66 16.48 13.59 2.08
CA GLY A 66 15.94 12.25 2.17
C GLY A 66 14.58 12.17 2.84
N ASP A 67 14.09 13.30 3.47
CA ASP A 67 12.76 13.23 4.10
C ASP A 67 11.72 13.09 2.99
N ASP A 68 10.81 12.13 3.13
CA ASP A 68 9.76 11.87 2.16
C ASP A 68 8.47 12.48 2.72
N PRO A 69 7.95 13.54 2.07
CA PRO A 69 6.75 14.21 2.61
C PRO A 69 5.58 13.29 2.92
N TRP A 70 5.37 12.24 2.11
CA TRP A 70 4.25 11.31 2.41
C TRP A 70 4.52 10.50 3.66
N VAL A 71 5.76 10.03 3.87
CA VAL A 71 6.12 9.32 5.07
C VAL A 71 5.98 10.24 6.27
N GLU A 72 6.47 11.51 6.15
CA GLU A 72 6.27 12.42 7.29
C GLU A 72 4.80 12.68 7.59
N HIS A 73 3.93 12.85 6.55
CA HIS A 73 2.52 13.08 6.79
C HIS A 73 1.90 11.90 7.58
N ALA A 74 2.28 10.64 7.20
CA ALA A 74 1.78 9.44 7.90
C ALA A 74 2.35 9.25 9.31
N LYS A 75 3.58 9.68 9.53
CA LYS A 75 4.22 9.53 10.82
C LYS A 75 3.65 10.52 11.84
N TRP A 76 3.46 11.79 11.42
CA TRP A 76 3.05 12.81 12.39
C TRP A 76 1.55 12.98 12.44
N PHE A 77 0.86 12.82 11.27
CA PHE A 77 -0.59 13.12 11.17
C PHE A 77 -1.37 11.93 10.56
N PRO A 78 -1.37 10.77 11.23
CA PRO A 78 -1.94 9.55 10.61
C PRO A 78 -3.43 9.59 10.31
N ARG A 79 -4.19 10.33 11.08
CA ARG A 79 -5.63 10.38 10.89
C ARG A 79 -6.10 11.38 9.84
N CYS A 80 -5.15 12.03 9.12
CA CYS A 80 -5.54 12.98 8.06
C CYS A 80 -6.35 12.30 6.98
N GLU A 81 -7.53 12.85 6.68
CA GLU A 81 -8.43 12.31 5.65
C GLU A 81 -7.79 12.33 4.25
N PHE A 82 -7.11 13.40 3.90
CA PHE A 82 -6.44 13.53 2.60
C PHE A 82 -5.35 12.47 2.47
N LEU A 83 -4.50 12.32 3.50
CA LEU A 83 -3.44 11.32 3.44
C LEU A 83 -4.04 9.91 3.24
N ILE A 84 -5.08 9.57 4.01
CA ILE A 84 -5.72 8.26 3.90
C ILE A 84 -6.32 8.09 2.51
N ARG A 85 -6.99 9.13 1.95
CA ARG A 85 -7.57 9.02 0.60
C ARG A 85 -6.50 8.85 -0.48
N MET A 86 -5.34 9.47 -0.32
CA MET A 86 -4.32 9.42 -1.37
C MET A 86 -3.41 8.21 -1.32
N LYS A 87 -3.02 7.84 -0.11
CA LYS A 87 -2.05 6.78 0.16
C LYS A 87 -2.67 5.48 0.65
N GLY A 88 -3.83 5.57 1.28
CA GLY A 88 -4.54 4.41 1.80
C GLY A 88 -4.16 4.12 3.24
N GLN A 89 -5.12 3.57 3.98
CA GLN A 89 -4.98 3.17 5.36
C GLN A 89 -3.84 2.16 5.53
N GLU A 90 -3.62 1.26 4.52
CA GLU A 90 -2.54 0.28 4.65
C GLU A 90 -1.16 0.95 4.75
N PHE A 91 -0.93 1.97 3.92
CA PHE A 91 0.33 2.74 3.92
C PHE A 91 0.49 3.43 5.28
N VAL A 92 -0.58 4.04 5.78
CA VAL A 92 -0.52 4.76 7.06
C VAL A 92 -0.15 3.78 8.20
N ASP A 93 -0.82 2.62 8.20
CA ASP A 93 -0.57 1.61 9.22
C ASP A 93 0.87 1.11 9.19
N GLU A 94 1.47 0.99 7.99
CA GLU A 94 2.84 0.54 7.90
C GLU A 94 3.81 1.56 8.50
N ILE A 95 3.63 2.84 8.18
CA ILE A 95 4.49 3.89 8.74
C ILE A 95 4.33 3.99 10.26
N GLN A 96 3.08 3.98 10.71
CA GLN A 96 2.79 4.04 12.15
C GLN A 96 3.38 2.87 12.93
N GLY A 97 3.54 1.73 12.27
CA GLY A 97 4.08 0.55 12.93
C GLY A 97 5.58 0.51 13.04
N ARG A 98 6.28 1.47 12.42
CA ARG A 98 7.74 1.50 12.44
C ARG A 98 8.26 2.59 13.36
N ILE B 8 -15.49 -50.01 11.30
CA ILE B 8 -15.24 -48.65 11.78
C ILE B 8 -14.17 -47.95 10.92
N SER B 9 -14.52 -46.80 10.32
CA SER B 9 -13.61 -46.10 9.44
C SER B 9 -12.41 -45.45 10.17
N ASN B 10 -12.65 -44.89 11.34
CA ASN B 10 -11.61 -44.21 12.09
C ASN B 10 -11.71 -44.60 13.56
N LEU B 11 -11.06 -45.73 13.93
CA LEU B 11 -11.18 -46.23 15.29
C LEU B 11 -10.70 -45.24 16.34
N SER B 12 -9.71 -44.43 16.01
CA SER B 12 -9.15 -43.44 16.93
C SER B 12 -10.19 -42.41 17.42
N MET B 13 -11.29 -42.26 16.64
CA MET B 13 -12.35 -41.32 17.00
C MET B 13 -13.61 -42.02 17.50
N GLN B 14 -13.47 -43.27 17.99
CA GLN B 14 -14.65 -43.99 18.49
C GLN B 14 -15.16 -43.52 19.86
N THR B 15 -14.30 -42.82 20.64
CA THR B 15 -14.76 -42.31 21.93
C THR B 15 -15.19 -40.83 21.90
N HIS B 16 -16.23 -40.51 22.67
CA HIS B 16 -16.73 -39.14 22.72
C HIS B 16 -15.63 -38.12 23.09
N ALA B 17 -14.78 -38.48 24.08
CA ALA B 17 -13.72 -37.59 24.52
C ALA B 17 -12.70 -37.28 23.43
N ALA B 18 -12.31 -38.27 22.58
CA ALA B 18 -11.40 -38.01 21.48
C ALA B 18 -12.09 -37.10 20.47
N ARG B 19 -13.38 -37.38 20.12
CA ARG B 19 -14.08 -36.49 19.18
C ARG B 19 -14.18 -35.05 19.72
N MET B 20 -14.47 -34.86 21.03
CA MET B 20 -14.58 -33.49 21.57
C MET B 20 -13.30 -32.71 21.38
N ARG B 21 -12.12 -33.37 21.53
CA ARG B 21 -10.84 -32.66 21.39
C ARG B 21 -10.70 -32.02 20.02
N THR B 22 -11.19 -32.73 18.98
CA THR B 22 -11.06 -32.20 17.63
C THR B 22 -11.78 -30.90 17.40
N PHE B 23 -12.77 -30.55 18.26
CA PHE B 23 -13.49 -29.30 18.13
C PHE B 23 -12.82 -28.12 18.89
N MET B 24 -11.57 -28.26 19.30
CA MET B 24 -10.87 -27.20 20.06
C MET B 24 -10.95 -25.82 19.39
N TYR B 25 -10.86 -25.76 18.05
CA TYR B 25 -10.93 -24.48 17.34
C TYR B 25 -12.12 -24.40 16.41
N TRP B 26 -13.21 -25.10 16.75
CA TRP B 26 -14.47 -25.06 15.99
C TRP B 26 -14.94 -23.60 15.93
N PRO B 27 -15.20 -23.08 14.70
CA PRO B 27 -15.54 -21.65 14.58
C PRO B 27 -16.72 -21.23 15.44
N SER B 28 -16.54 -20.14 16.18
CA SER B 28 -17.59 -19.65 17.08
C SER B 28 -18.90 -19.28 16.37
N SER B 29 -18.81 -18.94 15.08
CA SER B 29 -19.96 -18.54 14.25
C SER B 29 -20.85 -19.71 13.84
N VAL B 30 -20.35 -20.97 13.91
CA VAL B 30 -21.15 -22.13 13.51
C VAL B 30 -22.29 -22.38 14.50
N PRO B 31 -23.53 -22.38 14.00
CA PRO B 31 -24.70 -22.46 14.89
C PRO B 31 -25.08 -23.83 15.40
N VAL B 32 -24.14 -24.79 15.38
CA VAL B 32 -24.33 -26.16 15.88
C VAL B 32 -23.13 -26.43 16.80
N GLN B 33 -23.38 -26.96 18.03
CA GLN B 33 -22.33 -27.11 19.00
C GLN B 33 -21.60 -28.42 18.95
N PRO B 34 -20.28 -28.36 19.29
CA PRO B 34 -19.48 -29.58 19.36
C PRO B 34 -20.10 -30.75 20.13
N GLU B 35 -20.71 -30.53 21.32
CA GLU B 35 -21.28 -31.64 22.08
C GLU B 35 -22.33 -32.43 21.29
N GLN B 36 -23.18 -31.72 20.55
CA GLN B 36 -24.21 -32.35 19.73
C GLN B 36 -23.58 -33.14 18.60
N LEU B 37 -22.56 -32.56 17.96
CA LEU B 37 -21.87 -33.20 16.84
C LEU B 37 -21.13 -34.43 17.29
N ALA B 38 -20.32 -34.32 18.35
CA ALA B 38 -19.56 -35.45 18.87
C ALA B 38 -20.52 -36.56 19.35
N SER B 39 -21.63 -36.18 20.01
CA SER B 39 -22.61 -37.18 20.46
C SER B 39 -23.15 -38.02 19.33
N ALA B 40 -23.32 -37.38 18.14
CA ALA B 40 -23.77 -38.06 16.95
C ALA B 40 -22.69 -38.76 16.15
N GLY B 41 -21.48 -38.90 16.71
CA GLY B 41 -20.41 -39.64 16.06
C GLY B 41 -19.44 -38.80 15.27
N PHE B 42 -19.71 -37.49 15.16
CA PHE B 42 -18.91 -36.62 14.30
C PHE B 42 -17.68 -36.03 14.98
N TYR B 43 -16.61 -35.88 14.24
CA TYR B 43 -15.42 -35.17 14.67
C TYR B 43 -15.02 -34.13 13.64
N TYR B 44 -14.34 -33.08 14.07
CA TYR B 44 -13.98 -31.96 13.19
C TYR B 44 -12.69 -32.27 12.50
N VAL B 45 -12.64 -32.11 11.17
CA VAL B 45 -11.40 -32.33 10.45
C VAL B 45 -10.50 -31.05 10.38
N GLY B 46 -10.93 -29.93 10.97
CA GLY B 46 -10.09 -28.73 11.01
C GLY B 46 -10.13 -27.81 9.82
N ARG B 47 -11.15 -27.97 8.98
CA ARG B 47 -11.33 -27.09 7.82
C ARG B 47 -12.76 -26.58 7.86
N ASN B 48 -12.94 -25.26 7.97
CA ASN B 48 -14.24 -24.55 7.99
C ASN B 48 -15.18 -25.20 9.04
N ASP B 49 -16.29 -25.84 8.61
CA ASP B 49 -17.12 -26.58 9.58
C ASP B 49 -17.27 -28.06 9.17
N ASP B 50 -16.26 -28.59 8.44
CA ASP B 50 -16.31 -29.96 8.00
C ASP B 50 -16.19 -30.97 9.14
N VAL B 51 -17.10 -31.90 9.20
CA VAL B 51 -17.06 -32.99 10.18
C VAL B 51 -17.22 -34.35 9.44
N LYS B 52 -16.69 -35.42 10.05
CA LYS B 52 -16.86 -36.77 9.54
C LYS B 52 -17.32 -37.67 10.67
N CYS B 53 -18.07 -38.70 10.35
CA CYS B 53 -18.47 -39.72 11.34
C CYS B 53 -17.33 -40.70 11.49
N PHE B 54 -16.98 -41.05 12.74
CA PHE B 54 -15.90 -42.02 12.97
C PHE B 54 -16.22 -43.42 12.39
N CYS B 55 -17.51 -43.74 12.27
CA CYS B 55 -17.90 -45.10 11.87
C CYS B 55 -18.06 -45.25 10.39
N CYS B 56 -19.01 -44.51 9.81
CA CYS B 56 -19.32 -44.63 8.39
C CYS B 56 -18.44 -43.77 7.48
N ASP B 57 -17.67 -42.81 8.03
CA ASP B 57 -16.86 -41.87 7.27
C ASP B 57 -17.71 -40.83 6.49
N GLY B 58 -19.01 -40.77 6.79
CA GLY B 58 -19.85 -39.76 6.15
C GLY B 58 -19.43 -38.36 6.57
N GLY B 59 -19.30 -37.48 5.58
CA GLY B 59 -18.92 -36.10 5.83
C GLY B 59 -20.08 -35.13 5.74
N LEU B 60 -20.15 -34.14 6.68
CA LEU B 60 -21.20 -33.11 6.60
C LEU B 60 -20.56 -31.76 6.81
N ARG B 61 -21.10 -30.76 6.15
CA ARG B 61 -20.59 -29.41 6.25
C ARG B 61 -21.73 -28.38 6.09
N CYS B 62 -21.40 -27.11 6.26
CA CYS B 62 -22.33 -26.00 6.05
C CYS B 62 -23.59 -26.15 6.91
N TRP B 63 -23.30 -26.35 8.16
CA TRP B 63 -24.32 -26.48 9.20
C TRP B 63 -25.15 -25.22 9.35
N GLU B 64 -26.45 -25.40 9.54
CA GLU B 64 -27.43 -24.33 9.71
C GLU B 64 -28.05 -24.39 11.09
N SER B 65 -28.56 -23.23 11.55
CA SER B 65 -29.20 -23.12 12.85
C SER B 65 -30.42 -24.04 12.88
N GLY B 66 -30.51 -24.86 13.92
CA GLY B 66 -31.63 -25.78 14.04
C GLY B 66 -31.33 -27.16 13.49
N ASP B 67 -30.19 -27.34 12.75
CA ASP B 67 -29.84 -28.66 12.24
C ASP B 67 -29.60 -29.60 13.43
N ASP B 68 -30.15 -30.81 13.39
CA ASP B 68 -29.99 -31.78 14.47
C ASP B 68 -29.04 -32.82 13.94
N PRO B 69 -27.83 -32.90 14.49
CA PRO B 69 -26.83 -33.84 13.91
C PRO B 69 -27.32 -35.29 13.84
N TRP B 70 -28.20 -35.75 14.78
CA TRP B 70 -28.73 -37.11 14.67
C TRP B 70 -29.66 -37.25 13.45
N VAL B 71 -30.52 -36.25 13.20
CA VAL B 71 -31.39 -36.25 12.03
C VAL B 71 -30.58 -36.27 10.74
N GLU B 72 -29.56 -35.39 10.70
CA GLU B 72 -28.70 -35.35 9.51
C GLU B 72 -27.96 -36.64 9.30
N HIS B 73 -27.46 -37.27 10.38
CA HIS B 73 -26.76 -38.56 10.25
C HIS B 73 -27.68 -39.62 9.57
N ALA B 74 -28.95 -39.66 10.03
CA ALA B 74 -29.97 -40.60 9.50
C ALA B 74 -30.44 -40.26 8.06
N LYS B 75 -30.45 -38.98 7.72
CA LYS B 75 -30.89 -38.51 6.41
C LYS B 75 -29.84 -38.85 5.35
N TRP B 76 -28.56 -38.56 5.66
CA TRP B 76 -27.53 -38.71 4.67
C TRP B 76 -26.82 -40.04 4.69
N PHE B 77 -26.67 -40.65 5.87
CA PHE B 77 -25.92 -41.90 6.01
C PHE B 77 -26.71 -42.95 6.80
N PRO B 78 -27.89 -43.37 6.30
CA PRO B 78 -28.74 -44.29 7.07
C PRO B 78 -28.19 -45.69 7.39
N ARG B 79 -27.20 -46.16 6.62
CA ARG B 79 -26.60 -47.49 6.79
C ARG B 79 -25.49 -47.55 7.86
N CYS B 80 -25.18 -46.40 8.48
CA CYS B 80 -24.15 -46.35 9.51
C CYS B 80 -24.48 -47.23 10.72
N GLU B 81 -23.58 -48.20 11.04
CA GLU B 81 -23.73 -49.09 12.18
C GLU B 81 -23.81 -48.31 13.50
N PHE B 82 -22.96 -47.25 13.68
CA PHE B 82 -23.02 -46.48 14.94
C PHE B 82 -24.38 -45.81 15.09
N LEU B 83 -24.84 -45.13 14.01
CA LEU B 83 -26.15 -44.49 14.02
C LEU B 83 -27.29 -45.48 14.42
N ILE B 84 -27.34 -46.64 13.78
CA ILE B 84 -28.37 -47.66 14.03
C ILE B 84 -28.29 -48.16 15.46
N ARG B 85 -27.06 -48.40 15.97
CA ARG B 85 -26.91 -48.84 17.36
C ARG B 85 -27.26 -47.78 18.40
N MET B 86 -27.07 -46.48 18.10
CA MET B 86 -27.39 -45.45 19.11
C MET B 86 -28.84 -45.02 19.09
N LYS B 87 -29.40 -44.85 17.89
CA LYS B 87 -30.75 -44.32 17.69
C LYS B 87 -31.82 -45.36 17.39
N GLY B 88 -31.42 -46.46 16.78
CA GLY B 88 -32.31 -47.54 16.42
C GLY B 88 -32.78 -47.44 14.99
N GLN B 89 -33.11 -48.59 14.39
CA GLN B 89 -33.62 -48.68 13.05
C GLN B 89 -34.95 -47.95 12.94
N GLU B 90 -35.78 -47.89 14.01
CA GLU B 90 -37.07 -47.19 13.92
C GLU B 90 -36.87 -45.71 13.65
N PHE B 91 -35.89 -45.11 14.33
CA PHE B 91 -35.58 -43.70 14.15
C PHE B 91 -35.06 -43.46 12.74
N VAL B 92 -34.13 -44.32 12.26
CA VAL B 92 -33.56 -44.15 10.93
C VAL B 92 -34.64 -44.25 9.86
N ASP B 93 -35.53 -45.23 9.99
CA ASP B 93 -36.63 -45.44 9.05
C ASP B 93 -37.59 -44.27 9.00
N GLU B 94 -37.87 -43.66 10.17
CA GLU B 94 -38.74 -42.50 10.29
C GLU B 94 -38.14 -41.34 9.49
N ILE B 95 -36.84 -41.03 9.70
CA ILE B 95 -36.19 -39.93 8.97
C ILE B 95 -36.09 -40.22 7.46
N GLN B 96 -35.78 -41.46 7.09
CA GLN B 96 -35.62 -41.84 5.69
C GLN B 96 -36.90 -41.71 4.84
N GLY B 97 -38.06 -41.82 5.49
CA GLY B 97 -39.34 -41.75 4.80
C GLY B 97 -39.97 -40.38 4.78
N ARG B 98 -39.42 -39.42 5.53
CA ARG B 98 -39.91 -38.05 5.61
C ARG B 98 -39.04 -37.11 4.77
N TYR B 99 -39.61 -35.96 4.37
CA TYR B 99 -38.83 -34.95 3.66
C TYR B 99 -38.53 -33.82 4.65
N SER C 7 -21.92 5.48 0.85
CA SER C 7 -22.71 4.68 -0.08
C SER C 7 -22.28 3.21 -0.05
N ILE C 8 -22.71 2.46 0.98
CA ILE C 8 -22.38 1.03 1.13
C ILE C 8 -23.54 0.19 0.58
N SER C 9 -23.26 -0.66 -0.41
CA SER C 9 -24.27 -1.48 -1.10
C SER C 9 -24.83 -2.66 -0.29
N ASN C 10 -23.97 -3.31 0.49
CA ASN C 10 -24.40 -4.43 1.32
C ASN C 10 -23.88 -4.21 2.74
N LEU C 11 -24.77 -3.70 3.62
CA LEU C 11 -24.46 -3.39 5.02
C LEU C 11 -24.14 -4.60 5.86
N SER C 12 -24.64 -5.78 5.49
CA SER C 12 -24.35 -7.00 6.27
C SER C 12 -22.97 -7.59 5.95
N MET C 13 -22.27 -7.07 4.94
CA MET C 13 -20.95 -7.58 4.56
C MET C 13 -19.81 -6.60 4.84
N GLN C 14 -20.01 -5.64 5.77
CA GLN C 14 -18.95 -4.64 6.07
C GLN C 14 -17.77 -5.23 6.79
N THR C 15 -17.95 -6.34 7.52
CA THR C 15 -16.84 -6.94 8.25
C THR C 15 -16.13 -8.03 7.45
N HIS C 16 -14.81 -8.15 7.68
CA HIS C 16 -13.99 -9.19 7.07
C HIS C 16 -14.54 -10.59 7.45
N ALA C 17 -15.01 -10.74 8.71
CA ALA C 17 -15.54 -11.99 9.24
C ALA C 17 -16.83 -12.38 8.55
N ALA C 18 -17.74 -11.40 8.34
CA ALA C 18 -18.99 -11.69 7.65
C ALA C 18 -18.72 -12.10 6.22
N ARG C 19 -17.72 -11.46 5.58
CA ARG C 19 -17.37 -11.83 4.22
C ARG C 19 -16.74 -13.21 4.18
N MET C 20 -15.87 -13.52 5.14
CA MET C 20 -15.26 -14.86 5.21
C MET C 20 -16.29 -15.97 5.37
N ARG C 21 -17.40 -15.71 6.09
CA ARG C 21 -18.44 -16.71 6.30
C ARG C 21 -19.05 -17.13 4.99
N THR C 22 -19.22 -16.19 4.04
CA THR C 22 -19.77 -16.55 2.73
C THR C 22 -18.84 -17.49 1.96
N PHE C 23 -17.53 -17.45 2.24
CA PHE C 23 -16.60 -18.34 1.54
C PHE C 23 -16.60 -19.78 2.08
N MET C 24 -17.50 -20.12 3.02
CA MET C 24 -17.70 -21.53 3.39
C MET C 24 -18.19 -22.32 2.13
N TYR C 25 -18.89 -21.62 1.20
CA TYR C 25 -19.38 -22.25 -0.01
C TYR C 25 -18.47 -22.08 -1.21
N TRP C 26 -17.27 -21.47 -1.04
CA TRP C 26 -16.33 -21.21 -2.13
C TRP C 26 -15.74 -22.50 -2.66
N PRO C 27 -15.82 -22.75 -3.98
CA PRO C 27 -15.23 -23.99 -4.51
C PRO C 27 -13.73 -24.03 -4.31
N SER C 28 -13.25 -25.10 -3.68
CA SER C 28 -11.81 -25.31 -3.37
C SER C 28 -10.89 -25.35 -4.60
N SER C 29 -11.46 -25.50 -5.79
CA SER C 29 -10.71 -25.57 -7.03
C SER C 29 -10.26 -24.19 -7.53
N VAL C 30 -10.99 -23.11 -7.16
CA VAL C 30 -10.64 -21.74 -7.57
C VAL C 30 -9.29 -21.33 -6.98
N PRO C 31 -8.32 -20.93 -7.84
CA PRO C 31 -6.98 -20.63 -7.33
C PRO C 31 -6.78 -19.30 -6.58
N VAL C 32 -7.86 -18.56 -6.30
CA VAL C 32 -7.77 -17.36 -5.49
C VAL C 32 -8.40 -17.65 -4.12
N GLN C 33 -7.71 -17.30 -3.05
CA GLN C 33 -8.15 -17.63 -1.69
C GLN C 33 -9.14 -16.66 -1.02
N PRO C 34 -10.11 -17.23 -0.28
CA PRO C 34 -11.06 -16.40 0.47
C PRO C 34 -10.46 -15.23 1.26
N GLU C 35 -9.40 -15.45 2.04
CA GLU C 35 -8.79 -14.40 2.85
C GLU C 35 -8.41 -13.15 2.05
N GLN C 36 -7.82 -13.35 0.89
CA GLN C 36 -7.40 -12.26 0.00
C GLN C 36 -8.58 -11.53 -0.62
N LEU C 37 -9.62 -12.29 -1.02
CA LEU C 37 -10.83 -11.72 -1.61
C LEU C 37 -11.55 -10.90 -0.54
N ALA C 38 -11.72 -11.48 0.67
CA ALA C 38 -12.45 -10.79 1.72
C ALA C 38 -11.69 -9.55 2.18
N SER C 39 -10.35 -9.61 2.24
CA SER C 39 -9.57 -8.42 2.61
C SER C 39 -9.81 -7.25 1.65
N ALA C 40 -9.99 -7.58 0.37
CA ALA C 40 -10.23 -6.59 -0.68
C ALA C 40 -11.70 -6.22 -0.84
N GLY C 41 -12.55 -6.54 0.13
CA GLY C 41 -13.94 -6.13 0.13
C GLY C 41 -14.96 -7.09 -0.45
N PHE C 42 -14.48 -8.23 -0.98
CA PHE C 42 -15.37 -9.15 -1.70
C PHE C 42 -16.01 -10.20 -0.83
N TYR C 43 -17.23 -10.53 -1.15
CA TYR C 43 -17.94 -11.64 -0.52
C TYR C 43 -18.54 -12.54 -1.59
N TYR C 44 -18.68 -13.84 -1.27
CA TYR C 44 -19.20 -14.82 -2.25
C TYR C 44 -20.69 -14.74 -2.40
N VAL C 45 -21.21 -14.72 -3.65
CA VAL C 45 -22.65 -14.63 -3.81
C VAL C 45 -23.31 -15.97 -4.11
N GLY C 46 -22.58 -17.08 -3.97
CA GLY C 46 -23.19 -18.40 -3.99
C GLY C 46 -23.36 -19.09 -5.32
N ARG C 47 -22.75 -18.56 -6.38
CA ARG C 47 -22.87 -19.11 -7.73
C ARG C 47 -21.46 -19.14 -8.32
N ASN C 48 -20.98 -20.33 -8.77
CA ASN C 48 -19.68 -20.56 -9.36
C ASN C 48 -18.54 -19.84 -8.58
N ASP C 49 -17.81 -18.86 -9.17
CA ASP C 49 -16.80 -18.12 -8.41
C ASP C 49 -17.12 -16.63 -8.38
N ASP C 50 -18.42 -16.30 -8.42
CA ASP C 50 -18.90 -14.93 -8.44
C ASP C 50 -18.75 -14.28 -7.07
N VAL C 51 -18.16 -13.07 -7.02
CA VAL C 51 -18.05 -12.29 -5.77
C VAL C 51 -18.52 -10.87 -6.01
N LYS C 52 -18.94 -10.17 -4.94
CA LYS C 52 -19.32 -8.75 -5.06
C LYS C 52 -18.62 -7.95 -3.95
N CYS C 53 -18.35 -6.66 -4.22
CA CYS C 53 -17.79 -5.81 -3.18
C CYS C 53 -18.95 -5.32 -2.31
N PHE C 54 -18.79 -5.36 -0.97
CA PHE C 54 -19.81 -4.88 -0.04
C PHE C 54 -20.05 -3.35 -0.21
N CYS C 55 -19.02 -2.62 -0.67
CA CYS C 55 -19.11 -1.17 -0.80
C CYS C 55 -19.66 -0.72 -2.15
N CYS C 56 -18.94 -0.98 -3.25
CA CYS C 56 -19.34 -0.51 -4.57
C CYS C 56 -20.32 -1.44 -5.30
N ASP C 57 -20.50 -2.69 -4.79
CA ASP C 57 -21.38 -3.67 -5.45
C ASP C 57 -20.83 -4.22 -6.77
N GLY C 58 -19.56 -3.96 -7.03
CA GLY C 58 -18.87 -4.46 -8.20
C GLY C 58 -18.74 -5.96 -8.15
N GLY C 59 -19.12 -6.62 -9.24
CA GLY C 59 -19.07 -8.07 -9.32
C GLY C 59 -17.92 -8.57 -10.15
N LEU C 60 -17.17 -9.54 -9.62
CA LEU C 60 -16.06 -10.13 -10.34
C LEU C 60 -16.18 -11.64 -10.37
N ARG C 61 -15.66 -12.25 -11.45
CA ARG C 61 -15.66 -13.68 -11.62
C ARG C 61 -14.46 -14.15 -12.46
N CYS C 62 -14.32 -15.47 -12.61
CA CYS C 62 -13.26 -16.16 -13.36
C CYS C 62 -11.89 -15.81 -12.85
N TRP C 63 -11.71 -16.02 -11.55
CA TRP C 63 -10.48 -15.79 -10.83
C TRP C 63 -9.37 -16.70 -11.34
N GLU C 64 -8.35 -16.11 -11.98
CA GLU C 64 -7.21 -16.86 -12.52
C GLU C 64 -6.08 -16.93 -11.49
N SER C 65 -5.15 -17.89 -11.65
CA SER C 65 -4.06 -18.03 -10.70
C SER C 65 -3.13 -16.82 -10.85
N GLY C 66 -2.79 -16.21 -9.71
CA GLY C 66 -1.93 -15.04 -9.69
C GLY C 66 -2.67 -13.73 -9.53
N ASP C 67 -4.01 -13.74 -9.61
CA ASP C 67 -4.81 -12.52 -9.46
C ASP C 67 -4.68 -11.91 -8.12
N ASP C 68 -4.50 -10.60 -8.09
CA ASP C 68 -4.49 -9.86 -6.84
C ASP C 68 -5.87 -9.21 -6.75
N PRO C 69 -6.71 -9.65 -5.79
CA PRO C 69 -8.03 -9.02 -5.67
C PRO C 69 -8.00 -7.48 -5.57
N TRP C 70 -6.96 -6.87 -4.96
CA TRP C 70 -6.87 -5.40 -4.89
C TRP C 70 -6.64 -4.80 -6.27
N VAL C 71 -5.76 -5.42 -7.07
CA VAL C 71 -5.47 -4.97 -8.41
C VAL C 71 -6.70 -5.12 -9.29
N GLU C 72 -7.45 -6.25 -9.17
CA GLU C 72 -8.68 -6.41 -9.96
C GLU C 72 -9.77 -5.43 -9.53
N HIS C 73 -9.85 -5.10 -8.20
CA HIS C 73 -10.83 -4.15 -7.68
C HIS C 73 -10.57 -2.77 -8.35
N ALA C 74 -9.30 -2.38 -8.40
CA ALA C 74 -8.92 -1.08 -8.95
C ALA C 74 -9.04 -1.02 -10.46
N LYS C 75 -8.83 -2.16 -11.13
CA LYS C 75 -8.91 -2.22 -12.58
C LYS C 75 -10.36 -2.03 -13.06
N TRP C 76 -11.34 -2.65 -12.38
CA TRP C 76 -12.73 -2.59 -12.82
C TRP C 76 -13.64 -1.62 -12.08
N PHE C 77 -13.34 -1.34 -10.81
CA PHE C 77 -14.19 -0.44 -10.00
C PHE C 77 -13.32 0.65 -9.28
N PRO C 78 -12.67 1.51 -10.08
CA PRO C 78 -11.76 2.51 -9.51
C PRO C 78 -12.36 3.55 -8.58
N ARG C 79 -13.66 3.80 -8.68
CA ARG C 79 -14.28 4.80 -7.83
C ARG C 79 -14.80 4.26 -6.50
N CYS C 80 -14.53 2.99 -6.19
CA CYS C 80 -14.98 2.41 -4.92
C CYS C 80 -14.34 3.10 -3.74
N GLU C 81 -15.17 3.62 -2.79
CA GLU C 81 -14.67 4.31 -1.59
C GLU C 81 -13.87 3.41 -0.63
N PHE C 82 -14.24 2.13 -0.49
CA PHE C 82 -13.48 1.20 0.36
C PHE C 82 -12.09 0.96 -0.23
N LEU C 83 -12.02 0.72 -1.55
CA LEU C 83 -10.75 0.52 -2.26
C LEU C 83 -9.87 1.78 -2.08
N ILE C 84 -10.49 2.97 -2.24
CA ILE C 84 -9.75 4.22 -2.12
C ILE C 84 -9.24 4.39 -0.70
N ARG C 85 -10.09 4.12 0.29
CA ARG C 85 -9.69 4.29 1.69
C ARG C 85 -8.56 3.32 2.06
N MET C 86 -8.58 2.06 1.53
CA MET C 86 -7.54 1.10 1.94
C MET C 86 -6.25 1.20 1.14
N LYS C 87 -6.36 1.47 -0.14
CA LYS C 87 -5.21 1.45 -1.04
C LYS C 87 -4.76 2.80 -1.55
N GLY C 88 -5.66 3.78 -1.53
CA GLY C 88 -5.36 5.15 -1.96
C GLY C 88 -5.56 5.43 -3.44
N GLN C 89 -5.84 6.68 -3.76
CA GLN C 89 -6.05 7.14 -5.12
C GLN C 89 -4.79 6.96 -5.97
N GLU C 90 -3.59 7.11 -5.35
CA GLU C 90 -2.35 6.94 -6.13
C GLU C 90 -2.23 5.52 -6.70
N PHE C 91 -2.60 4.54 -5.89
CA PHE C 91 -2.57 3.13 -6.32
C PHE C 91 -3.60 2.92 -7.42
N VAL C 92 -4.84 3.44 -7.24
CA VAL C 92 -5.91 3.25 -8.20
C VAL C 92 -5.56 3.88 -9.54
N ASP C 93 -4.93 5.09 -9.51
CA ASP C 93 -4.61 5.78 -10.77
C ASP C 93 -3.60 4.98 -11.56
N GLU C 94 -2.60 4.39 -10.88
CA GLU C 94 -1.56 3.57 -11.51
C GLU C 94 -2.21 2.37 -12.23
N ILE C 95 -3.14 1.66 -11.55
CA ILE C 95 -3.78 0.51 -12.18
C ILE C 95 -4.65 0.95 -13.37
N GLN C 96 -5.19 2.18 -13.33
CA GLN C 96 -5.95 2.77 -14.42
C GLN C 96 -5.05 3.32 -15.58
N GLY C 97 -3.74 3.19 -15.46
CA GLY C 97 -2.80 3.64 -16.48
C GLY C 97 -2.60 5.14 -16.50
N ARG C 98 -2.77 5.79 -15.37
CA ARG C 98 -2.55 7.23 -15.27
C ARG C 98 -1.25 7.35 -14.47
N TYR C 99 -0.21 7.90 -15.10
CA TYR C 99 1.11 8.04 -14.48
C TYR C 99 1.49 9.50 -14.30
N SER D 7 47.93 20.13 -20.17
CA SER D 7 47.67 20.64 -18.82
C SER D 7 46.18 20.94 -18.54
N ILE D 8 45.28 20.33 -19.30
CA ILE D 8 43.85 20.45 -19.04
C ILE D 8 43.46 19.16 -18.33
N SER D 9 42.78 19.26 -17.18
CA SER D 9 42.46 18.06 -16.40
C SER D 9 41.36 17.19 -17.01
N ASN D 10 40.40 17.79 -17.73
CA ASN D 10 39.33 17.01 -18.33
C ASN D 10 39.00 17.57 -19.69
N LEU D 11 39.74 17.10 -20.73
CA LEU D 11 39.60 17.54 -22.12
C LEU D 11 38.19 17.35 -22.63
N SER D 12 37.46 16.31 -22.13
CA SER D 12 36.07 16.08 -22.55
C SER D 12 35.10 17.16 -22.12
N MET D 13 35.52 18.02 -21.16
CA MET D 13 34.67 19.11 -20.70
C MET D 13 35.22 20.46 -21.15
N GLN D 14 35.98 20.50 -22.26
CA GLN D 14 36.58 21.76 -22.74
C GLN D 14 35.59 22.74 -23.36
N THR D 15 34.51 22.22 -23.94
CA THR D 15 33.53 23.09 -24.57
C THR D 15 32.42 23.40 -23.62
N HIS D 16 31.82 24.57 -23.78
CA HIS D 16 30.67 25.02 -23.02
C HIS D 16 29.50 24.05 -23.24
N ALA D 17 29.30 23.55 -24.49
CA ALA D 17 28.20 22.61 -24.74
C ALA D 17 28.37 21.31 -23.97
N ALA D 18 29.59 20.78 -23.90
CA ALA D 18 29.84 19.54 -23.13
C ALA D 18 29.56 19.77 -21.64
N ARG D 19 30.06 20.91 -21.06
CA ARG D 19 29.77 21.20 -19.65
C ARG D 19 28.28 21.35 -19.40
N MET D 20 27.58 22.03 -20.34
CA MET D 20 26.13 22.17 -20.21
C MET D 20 25.39 20.84 -20.13
N ARG D 21 25.82 19.84 -20.89
CA ARG D 21 25.19 18.51 -20.93
C ARG D 21 25.16 17.90 -19.53
N THR D 22 26.23 18.08 -18.76
CA THR D 22 26.32 17.54 -17.41
C THR D 22 25.25 18.08 -16.49
N PHE D 23 24.74 19.30 -16.77
CA PHE D 23 23.72 19.87 -15.94
C PHE D 23 22.33 19.31 -16.21
N MET D 24 22.18 18.30 -17.07
CA MET D 24 20.89 17.59 -17.20
C MET D 24 20.52 16.93 -15.86
N TYR D 25 21.53 16.58 -15.02
CA TYR D 25 21.28 15.98 -13.72
C TYR D 25 21.24 16.98 -12.56
N TRP D 26 21.46 18.27 -12.85
CA TRP D 26 21.55 19.34 -11.86
C TRP D 26 20.22 19.53 -11.19
N PRO D 27 20.19 19.56 -9.86
CA PRO D 27 18.91 19.78 -9.18
C PRO D 27 18.36 21.15 -9.51
N SER D 28 17.11 21.20 -9.98
CA SER D 28 16.41 22.44 -10.33
C SER D 28 16.29 23.41 -9.13
N SER D 29 16.62 22.97 -7.92
CA SER D 29 16.52 23.81 -6.72
C SER D 29 17.71 24.73 -6.53
N VAL D 30 18.92 24.31 -6.96
CA VAL D 30 20.14 25.09 -6.77
C VAL D 30 19.99 26.50 -7.39
N PRO D 31 20.29 27.54 -6.58
CA PRO D 31 20.07 28.92 -7.06
C PRO D 31 20.99 29.40 -8.18
N VAL D 32 22.06 28.66 -8.47
CA VAL D 32 22.99 29.04 -9.53
C VAL D 32 22.62 28.30 -10.79
N GLN D 33 22.52 29.00 -11.91
CA GLN D 33 22.14 28.38 -13.17
C GLN D 33 23.28 27.70 -13.92
N PRO D 34 22.94 26.60 -14.63
CA PRO D 34 23.95 25.88 -15.43
C PRO D 34 24.73 26.75 -16.41
N GLU D 35 24.04 27.70 -17.06
CA GLU D 35 24.71 28.58 -18.03
C GLU D 35 25.88 29.35 -17.44
N GLN D 36 25.71 29.87 -16.23
CA GLN D 36 26.73 30.65 -15.55
C GLN D 36 27.87 29.78 -15.06
N LEU D 37 27.55 28.58 -14.59
CA LEU D 37 28.57 27.65 -14.11
C LEU D 37 29.43 27.15 -15.27
N ALA D 38 28.79 26.68 -16.35
CA ALA D 38 29.52 26.20 -17.51
C ALA D 38 30.38 27.32 -18.11
N SER D 39 29.86 28.55 -18.15
CA SER D 39 30.63 29.69 -18.66
C SER D 39 31.93 29.89 -17.90
N ALA D 40 31.90 29.68 -16.59
CA ALA D 40 33.09 29.80 -15.77
C ALA D 40 33.96 28.52 -15.72
N GLY D 41 33.74 27.57 -16.62
CA GLY D 41 34.58 26.37 -16.70
C GLY D 41 34.12 25.15 -15.90
N PHE D 42 32.99 25.28 -15.21
CA PHE D 42 32.51 24.20 -14.35
C PHE D 42 31.52 23.23 -14.99
N TYR D 43 31.59 22.00 -14.54
CA TYR D 43 30.68 20.95 -14.96
C TYR D 43 30.25 20.17 -13.73
N TYR D 44 29.06 19.59 -13.77
CA TYR D 44 28.45 18.86 -12.67
C TYR D 44 28.98 17.44 -12.61
N VAL D 45 29.48 17.01 -11.45
CA VAL D 45 29.98 15.64 -11.33
C VAL D 45 28.91 14.66 -10.76
N GLY D 46 27.64 15.03 -10.83
CA GLY D 46 26.55 14.10 -10.50
C GLY D 46 26.18 13.84 -9.06
N ARG D 47 26.75 14.58 -8.11
CA ARG D 47 26.43 14.35 -6.70
C ARG D 47 26.10 15.68 -6.07
N ASN D 48 24.94 15.77 -5.39
CA ASN D 48 24.54 17.00 -4.69
C ASN D 48 24.69 18.27 -5.59
N ASP D 49 25.60 19.20 -5.26
CA ASP D 49 25.87 20.34 -6.14
C ASP D 49 27.40 20.49 -6.36
N ASP D 50 28.12 19.36 -6.38
CA ASP D 50 29.55 19.27 -6.64
C ASP D 50 29.78 19.58 -8.13
N VAL D 51 30.63 20.56 -8.39
CA VAL D 51 31.07 20.91 -9.74
C VAL D 51 32.59 20.91 -9.76
N LYS D 52 33.18 20.57 -10.93
CA LYS D 52 34.62 20.66 -11.10
C LYS D 52 34.99 21.55 -12.29
N CYS D 53 36.15 22.23 -12.24
CA CYS D 53 36.61 23.02 -13.40
C CYS D 53 37.33 22.04 -14.33
N PHE D 54 36.99 22.10 -15.63
CA PHE D 54 37.63 21.20 -16.61
C PHE D 54 39.14 21.43 -16.68
N CYS D 55 39.61 22.65 -16.40
CA CYS D 55 41.01 22.97 -16.58
C CYS D 55 41.84 22.64 -15.37
N CYS D 56 41.54 23.30 -14.24
CA CYS D 56 42.31 23.15 -13.00
C CYS D 56 41.90 22.00 -12.12
N ASP D 57 40.76 21.35 -12.42
CA ASP D 57 40.24 20.25 -11.58
C ASP D 57 39.74 20.72 -10.21
N GLY D 58 39.65 22.03 -10.01
CA GLY D 58 39.12 22.64 -8.81
C GLY D 58 37.68 22.28 -8.56
N GLY D 59 37.43 21.75 -7.37
CA GLY D 59 36.10 21.31 -7.00
C GLY D 59 35.39 22.34 -6.16
N LEU D 60 34.15 22.65 -6.48
CA LEU D 60 33.32 23.60 -5.73
C LEU D 60 31.96 23.00 -5.35
N ARG D 61 31.54 23.19 -4.09
CA ARG D 61 30.25 22.68 -3.60
C ARG D 61 29.56 23.69 -2.67
N CYS D 62 28.33 23.37 -2.25
CA CYS D 62 27.47 24.18 -1.38
C CYS D 62 27.23 25.60 -1.94
N TRP D 63 26.70 25.67 -3.17
CA TRP D 63 26.41 26.93 -3.86
C TRP D 63 25.30 27.69 -3.14
N GLU D 64 25.42 29.02 -3.11
CA GLU D 64 24.47 29.90 -2.44
C GLU D 64 23.87 30.93 -3.39
N SER D 65 22.68 31.46 -3.07
CA SER D 65 22.03 32.46 -3.92
C SER D 65 22.89 33.71 -4.03
N GLY D 66 22.96 34.26 -5.24
CA GLY D 66 23.79 35.42 -5.51
C GLY D 66 25.24 35.08 -5.83
N ASP D 67 25.65 33.79 -5.69
CA ASP D 67 27.02 33.39 -5.99
C ASP D 67 27.37 33.65 -7.45
N ASP D 68 28.60 34.07 -7.68
CA ASP D 68 29.07 34.34 -9.00
C ASP D 68 30.20 33.35 -9.28
N PRO D 69 29.94 32.34 -10.14
CA PRO D 69 30.97 31.32 -10.41
C PRO D 69 32.34 31.86 -10.82
N TRP D 70 32.41 32.99 -11.53
CA TRP D 70 33.72 33.58 -11.88
C TRP D 70 34.48 34.07 -10.63
N VAL D 71 33.76 34.74 -9.71
CA VAL D 71 34.32 35.18 -8.43
C VAL D 71 34.81 33.97 -7.62
N GLU D 72 33.97 32.91 -7.46
CA GLU D 72 34.38 31.72 -6.71
C GLU D 72 35.56 31.05 -7.35
N HIS D 73 35.60 30.96 -8.69
CA HIS D 73 36.76 30.38 -9.39
C HIS D 73 38.04 31.17 -9.03
N ALA D 74 37.97 32.51 -9.05
CA ALA D 74 39.11 33.38 -8.71
C ALA D 74 39.50 33.36 -7.22
N LYS D 75 38.52 33.15 -6.35
CA LYS D 75 38.74 33.14 -4.91
C LYS D 75 39.45 31.86 -4.47
N TRP D 76 39.01 30.70 -5.01
CA TRP D 76 39.57 29.42 -4.60
C TRP D 76 40.66 28.84 -5.49
N PHE D 77 40.61 29.06 -6.82
CA PHE D 77 41.63 28.51 -7.71
C PHE D 77 42.20 29.66 -8.55
N PRO D 78 42.87 30.62 -7.90
CA PRO D 78 43.40 31.78 -8.63
C PRO D 78 44.46 31.51 -9.69
N ARG D 79 45.10 30.35 -9.63
CA ARG D 79 46.14 30.00 -10.60
C ARG D 79 45.60 29.19 -11.79
N CYS D 80 44.28 29.03 -11.91
CA CYS D 80 43.70 28.28 -13.02
C CYS D 80 44.00 28.99 -14.33
N GLU D 81 44.57 28.25 -15.30
CA GLU D 81 44.94 28.82 -16.60
C GLU D 81 43.73 29.25 -17.44
N PHE D 82 42.60 28.52 -17.35
CA PHE D 82 41.40 28.92 -18.09
C PHE D 82 40.83 30.22 -17.47
N LEU D 83 40.72 30.31 -16.13
CA LEU D 83 40.28 31.55 -15.46
C LEU D 83 41.17 32.74 -15.89
N ILE D 84 42.51 32.57 -15.85
CA ILE D 84 43.41 33.66 -16.25
C ILE D 84 43.25 34.01 -17.74
N ARG D 85 43.11 33.02 -18.62
CA ARG D 85 42.95 33.26 -20.05
C ARG D 85 41.67 34.01 -20.34
N MET D 86 40.58 33.68 -19.62
CA MET D 86 39.31 34.34 -19.89
C MET D 86 39.10 35.67 -19.20
N LYS D 87 39.42 35.77 -17.91
CA LYS D 87 39.18 36.98 -17.15
C LYS D 87 40.40 37.86 -16.90
N GLY D 88 41.58 37.24 -16.98
CA GLY D 88 42.84 37.95 -16.75
C GLY D 88 43.28 37.98 -15.30
N GLN D 89 44.61 38.13 -15.11
CA GLN D 89 45.28 38.24 -13.82
C GLN D 89 44.81 39.44 -13.03
N GLU D 90 44.49 40.56 -13.72
CA GLU D 90 44.01 41.75 -13.03
C GLU D 90 42.70 41.49 -12.26
N PHE D 91 41.76 40.74 -12.85
CA PHE D 91 40.51 40.39 -12.20
C PHE D 91 40.78 39.46 -11.01
N VAL D 92 41.70 38.49 -11.19
CA VAL D 92 41.99 37.52 -10.15
C VAL D 92 42.57 38.23 -8.90
N ASP D 93 43.53 39.14 -9.11
CA ASP D 93 44.12 39.89 -7.99
C ASP D 93 43.09 40.72 -7.23
N GLU D 94 42.13 41.31 -7.95
CA GLU D 94 41.06 42.09 -7.32
C GLU D 94 40.24 41.21 -6.38
N ILE D 95 39.89 39.99 -6.81
CA ILE D 95 39.09 39.08 -5.99
C ILE D 95 39.88 38.58 -4.79
N GLN D 96 41.16 38.28 -5.00
CA GLN D 96 42.04 37.80 -3.94
C GLN D 96 42.17 38.81 -2.79
N GLY D 97 42.11 40.10 -3.11
CA GLY D 97 42.21 41.16 -2.11
C GLY D 97 40.97 41.25 -1.23
#